data_5ZPW
#
_entry.id   5ZPW
#
_cell.length_a   84.737
_cell.length_b   84.737
_cell.length_c   66.144
_cell.angle_alpha   90.00
_cell.angle_beta   90.00
_cell.angle_gamma   90.00
#
_symmetry.space_group_name_H-M   'I 4'
#
loop_
_entity.id
_entity.type
_entity.pdbx_description
1 polymer 'Transmembrane protein gp41'
2 polymer MET-THR-TRP-GLU-GLU-TRP-ASP-MK8-LYS-ILE-GLU-MK8-TYR-THR-MK8-LYS-ILE-GLU-MK8-LEU-ILE-LYS-LYS-SER
3 water water
#
loop_
_entity_poly.entity_id
_entity_poly.type
_entity_poly.pdbx_seq_one_letter_code
_entity_poly.pdbx_strand_id
1 'polypeptide(L)' NLLRAIEAQQHLLQLTVWGIKQLQARLLAVERYLK A,C,E
2 'polypeptide(L)' MTWEEWD(MK8)KIE(MK8)YT(MK8)KIE(MK8)LIKKS B,D,F
#
# COMPACT_ATOMS: atom_id res chain seq x y z
N ASN A 1 -17.77 15.08 -3.05
CA ASN A 1 -17.50 13.89 -2.25
C ASN A 1 -16.49 12.95 -2.92
N LEU A 2 -16.12 13.24 -4.17
CA LEU A 2 -14.96 12.59 -4.76
C LEU A 2 -13.72 12.91 -3.95
N LEU A 3 -13.61 14.17 -3.51
CA LEU A 3 -12.43 14.61 -2.75
C LEU A 3 -12.34 13.95 -1.38
N ARG A 4 -13.47 13.85 -0.68
CA ARG A 4 -13.44 13.15 0.61
C ARG A 4 -13.02 11.69 0.42
N ALA A 5 -13.52 11.04 -0.63
CA ALA A 5 -13.04 9.68 -0.94
C ALA A 5 -11.54 9.66 -1.18
N ILE A 6 -11.04 10.61 -1.97
CA ILE A 6 -9.60 10.68 -2.24
C ILE A 6 -8.83 10.91 -0.96
N GLU A 7 -9.32 11.83 -0.13
CA GLU A 7 -8.67 12.15 1.14
C GLU A 7 -8.57 10.92 2.03
N ALA A 8 -9.66 10.16 2.12
CA ALA A 8 -9.60 8.95 2.95
C ALA A 8 -8.69 7.88 2.34
N GLN A 9 -8.62 7.80 1.00
CA GLN A 9 -7.66 6.87 0.41
C GLN A 9 -6.22 7.27 0.73
N GLN A 10 -5.96 8.58 0.83
CA GLN A 10 -4.63 9.04 1.22
C GLN A 10 -4.25 8.58 2.63
N HIS A 11 -5.21 8.55 3.58
CA HIS A 11 -4.84 7.98 4.87
C HIS A 11 -4.59 6.48 4.79
N LEU A 12 -5.33 5.77 3.93
CA LEU A 12 -5.03 4.35 3.70
C LEU A 12 -3.62 4.16 3.17
N LEU A 13 -3.25 4.97 2.18
CA LEU A 13 -1.90 4.88 1.63
C LEU A 13 -0.88 5.12 2.72
N GLN A 14 -1.12 6.12 3.56
CA GLN A 14 -0.20 6.43 4.63
C GLN A 14 -0.10 5.27 5.61
N LEU A 15 -1.19 4.58 5.87
CA LEU A 15 -1.11 3.42 6.75
C LEU A 15 -0.32 2.28 6.10
N THR A 16 -0.46 2.06 4.79
CA THR A 16 0.34 1.02 4.16
C THR A 16 1.81 1.38 4.18
N VAL A 17 2.14 2.65 3.88
CA VAL A 17 3.52 3.11 4.00
C VAL A 17 4.07 2.77 5.37
N TRP A 18 3.28 3.06 6.42
CA TRP A 18 3.72 2.77 7.78
C TRP A 18 3.99 1.28 7.96
N GLY A 19 3.06 0.43 7.52
CA GLY A 19 3.25 -0.99 7.72
C GLY A 19 4.51 -1.47 7.01
N ILE A 20 4.77 -0.92 5.83
CA ILE A 20 5.88 -1.39 5.02
C ILE A 20 7.20 -1.01 5.68
N LYS A 21 7.31 0.23 6.16
CA LYS A 21 8.53 0.64 6.85
C LYS A 21 8.75 -0.14 8.13
N GLN A 22 7.67 -0.49 8.85
CA GLN A 22 7.81 -1.35 10.03
C GLN A 22 8.42 -2.70 9.65
N LEU A 23 7.87 -3.33 8.60
CA LEU A 23 8.32 -4.67 8.20
C LEU A 23 9.76 -4.64 7.74
N GLN A 24 10.15 -3.59 6.99
CA GLN A 24 11.49 -3.52 6.43
C GLN A 24 12.53 -3.46 7.53
N ALA A 25 12.32 -2.56 8.49
CA ALA A 25 13.24 -2.46 9.63
C ALA A 25 13.37 -3.80 10.34
N ARG A 26 12.24 -4.46 10.61
CA ARG A 26 12.30 -5.71 11.37
C ARG A 26 12.90 -6.83 10.54
N LEU A 27 12.48 -6.95 9.27
CA LEU A 27 13.06 -7.97 8.39
C LEU A 27 14.54 -7.75 8.19
N LEU A 28 14.97 -6.50 8.03
CA LEU A 28 16.39 -6.18 8.01
C LEU A 28 17.08 -6.66 9.29
N ALA A 29 16.46 -6.39 10.44
CA ALA A 29 17.03 -6.87 11.71
C ALA A 29 17.16 -8.39 11.72
N VAL A 30 16.16 -9.09 11.17
CA VAL A 30 16.25 -10.54 11.09
C VAL A 30 17.41 -10.95 10.20
N GLU A 31 17.56 -10.28 9.05
CA GLU A 31 18.61 -10.63 8.11
C GLU A 31 19.99 -10.37 8.70
N ARG A 32 20.14 -9.28 9.46
CA ARG A 32 21.41 -8.98 10.13
C ARG A 32 21.73 -10.04 11.17
N TYR A 33 20.75 -10.36 12.03
CA TYR A 33 20.92 -11.36 13.07
C TYR A 33 21.47 -12.68 12.53
N LEU A 34 21.01 -13.10 11.36
CA LEU A 34 21.42 -14.38 10.80
C LEU A 34 22.71 -14.32 9.99
N LYS A 35 23.26 -13.14 9.73
CA LYS A 35 24.53 -13.07 9.00
C LYS A 35 25.70 -13.09 9.97
N MET B 1 16.21 -0.04 -6.94
CA MET B 1 15.97 1.37 -6.65
C MET B 1 16.51 1.75 -5.28
N THR B 2 16.86 0.73 -4.49
CA THR B 2 17.19 0.79 -3.06
C THR B 2 16.19 1.59 -2.22
N TRP B 3 16.24 1.35 -0.92
CA TRP B 3 15.22 1.85 -0.02
C TRP B 3 15.39 3.34 0.27
N GLU B 4 16.64 3.84 0.22
CA GLU B 4 16.87 5.27 0.38
C GLU B 4 16.07 6.07 -0.64
N GLU B 5 16.17 5.70 -1.93
CA GLU B 5 15.36 6.36 -2.96
C GLU B 5 13.88 6.13 -2.73
N TRP B 6 13.50 4.91 -2.40
CA TRP B 6 12.10 4.62 -2.15
C TRP B 6 11.51 5.56 -1.10
N ASP B 7 12.20 5.69 0.03
CA ASP B 7 11.76 6.58 1.10
C ASP B 7 11.63 8.01 0.58
C MK8 B 8 11.44 10.00 -1.55
N MK8 B 8 12.63 8.42 -0.18
O MK8 B 8 10.71 11.01 -1.32
CA MK8 B 8 12.68 9.73 -0.72
CB MK8 B 8 13.87 9.82 -1.65
CD MK8 B 8 13.54 11.37 -3.60
CE MK8 B 8 13.69 12.81 -4.02
CG MK8 B 8 14.01 11.25 -2.16
CB1 MK8 B 8 12.83 10.75 0.39
N LYS B 9 11.21 9.15 -2.54
CA LYS B 9 10.10 9.33 -3.47
C LYS B 9 8.76 9.32 -2.73
N ILE B 10 8.65 8.46 -1.72
CA ILE B 10 7.45 8.45 -0.89
C ILE B 10 7.18 9.86 -0.34
N GLU B 11 8.22 10.49 0.20
CA GLU B 11 8.08 11.85 0.75
C GLU B 11 7.63 12.86 -0.32
C MK8 B 12 6.54 13.63 -3.01
N MK8 B 12 8.32 12.89 -1.47
O MK8 B 12 5.82 14.64 -3.14
CA MK8 B 12 7.99 13.78 -2.56
CB MK8 B 12 8.85 13.53 -3.79
CD MK8 B 12 11.05 13.15 -4.76
CE MK8 B 12 12.51 13.45 -4.68
CG MK8 B 12 10.33 13.57 -3.49
CB1 MK8 B 12 8.23 15.22 -2.15
N TYR B 13 6.09 12.40 -3.26
CA TYR B 13 4.72 12.20 -3.74
C TYR B 13 3.67 12.56 -2.68
N THR B 14 3.96 12.25 -1.44
CA THR B 14 3.04 12.61 -0.35
C THR B 14 2.76 14.11 -0.36
C MK8 B 15 2.84 16.79 -1.52
N MK8 B 15 3.83 14.90 -0.41
O MK8 B 15 1.92 17.64 -1.32
CA MK8 B 15 3.75 16.34 -0.41
CB MK8 B 15 5.15 16.93 -0.66
CD MK8 B 15 5.31 18.89 -2.20
CE MK8 B 15 5.39 20.40 -2.28
CG MK8 B 15 5.10 18.44 -0.77
CB1 MK8 B 15 3.24 16.86 0.91
N LYS B 16 3.05 16.21 -2.70
CA LYS B 16 2.26 16.56 -3.86
C LYS B 16 0.78 16.28 -3.63
N ILE B 17 0.46 15.07 -3.17
CA ILE B 17 -0.95 14.71 -2.98
C ILE B 17 -1.60 15.64 -1.97
N GLU B 18 -0.94 15.84 -0.84
CA GLU B 18 -1.44 16.71 0.20
C GLU B 18 -1.61 18.10 -0.39
C MK8 B 19 -1.92 19.89 -2.64
N MK8 B 19 -0.57 18.64 -1.01
O MK8 B 19 -2.73 20.86 -2.58
CA MK8 B 19 -0.68 19.85 -1.75
CB MK8 B 19 0.51 20.04 -2.68
CD MK8 B 19 2.66 21.25 -3.02
CE MK8 B 19 4.06 21.04 -2.48
CG MK8 B 19 1.67 20.73 -1.99
CB1 MK8 B 19 -0.72 21.02 -0.79
N LEU B 20 -2.12 18.85 -3.44
CA LEU B 20 -3.26 18.80 -4.35
C LEU B 20 -4.56 18.77 -3.60
N ILE B 21 -4.58 18.02 -2.49
CA ILE B 21 -5.79 17.96 -1.69
C ILE B 21 -6.13 19.33 -1.14
N LYS B 22 -5.14 20.03 -0.55
CA LYS B 22 -5.41 21.37 -0.05
C LYS B 22 -5.96 22.25 -1.15
N LYS B 23 -5.44 22.14 -2.37
CA LYS B 23 -5.89 23.02 -3.45
C LYS B 23 -7.14 22.50 -4.14
N SER B 24 -7.39 21.20 -4.10
CA SER B 24 -8.62 20.66 -4.65
C SER B 24 -9.78 20.99 -3.72
N ASN C 1 -15.90 9.29 -14.47
CA ASN C 1 -14.75 8.43 -14.75
C ASN C 1 -13.68 8.58 -13.67
N LEU C 2 -13.70 9.72 -12.96
CA LEU C 2 -12.87 9.81 -11.77
C LEU C 2 -13.34 8.82 -10.70
N LEU C 3 -14.66 8.57 -10.63
CA LEU C 3 -15.18 7.64 -9.64
C LEU C 3 -14.63 6.24 -9.88
N ARG C 4 -14.70 5.77 -11.12
CA ARG C 4 -14.20 4.43 -11.41
C ARG C 4 -12.71 4.29 -11.14
N ALA C 5 -11.91 5.32 -11.46
CA ALA C 5 -10.50 5.29 -11.07
C ALA C 5 -10.36 5.07 -9.58
N ILE C 6 -11.12 5.84 -8.78
CA ILE C 6 -11.12 5.69 -7.32
C ILE C 6 -11.55 4.30 -6.91
N GLU C 7 -12.62 3.78 -7.52
CA GLU C 7 -13.03 2.42 -7.22
C GLU C 7 -11.91 1.45 -7.53
N ALA C 8 -11.25 1.61 -8.69
CA ALA C 8 -10.15 0.71 -9.04
C ALA C 8 -8.95 0.91 -8.13
N GLN C 9 -8.64 2.15 -7.74
CA GLN C 9 -7.55 2.34 -6.80
C GLN C 9 -7.88 1.72 -5.45
N GLN C 10 -9.16 1.71 -5.06
CA GLN C 10 -9.51 1.08 -3.80
C GLN C 10 -9.30 -0.43 -3.86
N HIS C 11 -9.55 -1.03 -5.02
CA HIS C 11 -9.25 -2.46 -5.17
C HIS C 11 -7.75 -2.71 -5.04
N LEU C 12 -6.93 -1.83 -5.62
CA LEU C 12 -5.48 -1.96 -5.44
C LEU C 12 -5.09 -1.78 -3.98
N LEU C 13 -5.72 -0.82 -3.31
CA LEU C 13 -5.41 -0.58 -1.90
C LEU C 13 -5.68 -1.81 -1.07
N GLN C 14 -6.81 -2.50 -1.33
CA GLN C 14 -7.09 -3.69 -0.54
C GLN C 14 -6.11 -4.81 -0.86
N LEU C 15 -5.60 -4.84 -2.09
CA LEU C 15 -4.57 -5.82 -2.39
C LEU C 15 -3.30 -5.53 -1.61
N THR C 16 -2.88 -4.25 -1.54
CA THR C 16 -1.66 -3.95 -0.79
C THR C 16 -1.86 -4.18 0.71
N VAL C 17 -3.06 -3.87 1.22
CA VAL C 17 -3.35 -4.17 2.62
C VAL C 17 -3.27 -5.66 2.87
N TRP C 18 -3.89 -6.46 1.98
CA TRP C 18 -3.76 -7.91 2.09
C TRP C 18 -2.31 -8.36 2.16
N GLY C 19 -1.47 -7.92 1.21
CA GLY C 19 -0.08 -8.35 1.20
C GLY C 19 0.66 -7.98 2.47
N ILE C 20 0.36 -6.81 3.03
CA ILE C 20 1.03 -6.35 4.25
C ILE C 20 0.64 -7.22 5.44
N LYS C 21 -0.65 -7.50 5.59
CA LYS C 21 -1.07 -8.40 6.67
C LYS C 21 -0.40 -9.78 6.52
N GLN C 22 -0.37 -10.32 5.30
CA GLN C 22 0.33 -11.58 5.05
C GLN C 22 1.78 -11.50 5.56
N LEU C 23 2.50 -10.43 5.21
CA LEU C 23 3.91 -10.35 5.58
C LEU C 23 4.07 -10.17 7.09
N GLN C 24 3.21 -9.35 7.71
CA GLN C 24 3.25 -9.17 9.16
C GLN C 24 3.10 -10.49 9.88
N ALA C 25 2.03 -11.23 9.57
CA ALA C 25 1.81 -12.51 10.24
C ALA C 25 3.01 -13.45 10.08
N ARG C 26 3.65 -13.45 8.90
CA ARG C 26 4.75 -14.39 8.69
C ARG C 26 6.06 -13.90 9.29
N LEU C 27 6.30 -12.58 9.29
CA LEU C 27 7.50 -12.07 9.94
C LEU C 27 7.43 -12.26 11.45
N LEU C 28 6.28 -11.94 12.05
CA LEU C 28 6.03 -12.25 13.45
C LEU C 28 6.32 -13.72 13.78
N ALA C 29 5.81 -14.65 12.96
CA ALA C 29 6.07 -16.07 13.22
C ALA C 29 7.57 -16.36 13.19
N VAL C 30 8.29 -15.69 12.31
CA VAL C 30 9.73 -15.88 12.22
C VAL C 30 10.42 -15.35 13.47
N GLU C 31 10.16 -14.07 13.81
CA GLU C 31 10.76 -13.49 15.01
C GLU C 31 10.46 -14.33 16.24
N ARG C 32 9.25 -14.87 16.32
CA ARG C 32 8.85 -15.68 17.46
C ARG C 32 9.62 -16.99 17.49
N TYR C 33 9.81 -17.59 16.32
CA TYR C 33 10.55 -18.84 16.24
C TYR C 33 12.00 -18.66 16.69
N LEU C 34 12.65 -17.59 16.23
CA LEU C 34 14.08 -17.42 16.52
C LEU C 34 14.33 -17.14 18.00
N LYS C 35 13.37 -16.54 18.70
CA LYS C 35 13.52 -16.32 20.12
C LYS C 35 13.40 -17.65 20.87
N MET D 1 2.01 4.59 17.56
CA MET D 1 1.15 3.77 16.72
C MET D 1 1.56 2.30 16.74
N THR D 2 0.57 1.43 16.87
CA THR D 2 0.75 -0.02 16.94
C THR D 2 -0.06 -0.71 15.85
N TRP D 3 0.22 -2.01 15.67
CA TRP D 3 -0.48 -2.81 14.68
C TRP D 3 -1.95 -2.97 15.01
N GLU D 4 -2.30 -3.01 16.29
CA GLU D 4 -3.72 -2.99 16.66
C GLU D 4 -4.40 -1.72 16.17
N GLU D 5 -3.78 -0.57 16.43
CA GLU D 5 -4.34 0.70 15.96
C GLU D 5 -4.39 0.74 14.45
N TRP D 6 -3.26 0.42 13.81
CA TRP D 6 -3.19 0.39 12.35
C TRP D 6 -4.35 -0.41 11.77
N ASP D 7 -4.61 -1.57 12.34
CA ASP D 7 -5.66 -2.44 11.85
C ASP D 7 -7.06 -1.82 12.04
C MK8 D 8 -8.79 0.46 12.45
N MK8 D 8 -7.33 -1.31 13.24
O MK8 D 8 -9.89 0.63 11.87
CA MK8 D 8 -8.57 -0.62 13.49
CB MK8 D 8 -8.53 0.07 14.84
CD MK8 D 8 -9.62 2.30 15.10
CE MK8 D 8 -10.97 2.99 15.26
CG MK8 D 8 -9.84 0.80 15.02
CB1 MK8 D 8 -9.73 -1.59 13.47
N LYS D 9 -7.74 1.21 12.19
CA LYS D 9 -7.86 2.36 11.30
C LYS D 9 -8.06 1.94 9.85
N ILE D 10 -7.41 0.85 9.42
CA ILE D 10 -7.71 0.33 8.08
C ILE D 10 -9.21 0.11 7.94
N GLU D 11 -9.84 -0.45 8.97
CA GLU D 11 -11.25 -0.82 8.86
C GLU D 11 -12.12 0.41 8.81
C MK8 D 12 -12.50 3.30 8.42
N MK8 D 12 -11.79 1.37 9.67
O MK8 D 12 -13.58 3.67 7.89
CA MK8 D 12 -12.51 2.58 9.76
CB MK8 D 12 -11.81 3.47 10.77
CD MK8 D 12 -11.53 4.10 13.10
CE MK8 D 12 -11.94 3.88 14.55
CG MK8 D 12 -12.25 3.15 12.19
CB1 MK8 D 12 -13.96 2.35 10.17
N TYR D 13 -11.30 3.48 7.88
CA TYR D 13 -11.15 4.21 6.64
C TYR D 13 -11.67 3.41 5.42
N THR D 14 -11.59 2.09 5.48
CA THR D 14 -12.11 1.28 4.38
C THR D 14 -13.62 1.44 4.27
C MK8 D 15 -16.13 2.89 4.89
N MK8 D 15 -14.31 1.39 5.42
O MK8 D 15 -17.06 2.98 4.03
CA MK8 D 15 -15.72 1.54 5.48
CB MK8 D 15 -16.16 1.52 6.92
CD MK8 D 15 -18.03 2.90 7.76
CE MK8 D 15 -19.53 2.93 7.98
CG MK8 D 15 -17.67 1.66 6.99
CB1 MK8 D 15 -16.39 0.37 4.77
N LYS D 16 -15.45 3.94 5.33
CA LYS D 16 -15.73 5.31 4.90
C LYS D 16 -15.71 5.42 3.38
N ILE D 17 -14.59 5.03 2.78
CA ILE D 17 -14.44 5.13 1.33
C ILE D 17 -15.58 4.41 0.65
N GLU D 18 -15.90 3.20 1.11
CA GLU D 18 -16.93 2.40 0.45
C GLU D 18 -18.30 3.07 0.56
C MK8 D 19 -19.79 5.52 0.85
N MK8 D 19 -18.65 3.61 1.73
O MK8 D 19 -20.69 5.63 -0.02
CA MK8 D 19 -19.83 4.41 1.87
CB MK8 D 19 -19.82 5.10 3.24
CD MK8 D 19 -19.86 4.79 5.69
CE MK8 D 19 -19.92 3.76 6.80
CG MK8 D 19 -20.03 4.11 4.35
CB1 MK8 D 19 -21.13 3.63 1.72
N LEU D 20 -18.74 6.33 0.92
CA LEU D 20 -18.64 7.50 0.08
C LEU D 20 -18.59 7.16 -1.39
N ILE D 21 -17.98 6.04 -1.74
CA ILE D 21 -18.00 5.60 -3.13
C ILE D 21 -19.44 5.43 -3.60
N LYS D 22 -20.24 4.71 -2.82
CA LYS D 22 -21.61 4.45 -3.19
C LYS D 22 -22.36 5.73 -3.44
N LYS D 23 -21.87 6.85 -2.89
CA LYS D 23 -22.67 8.05 -2.78
C LYS D 23 -22.35 9.09 -3.84
N SER D 24 -21.12 9.16 -4.32
CA SER D 24 -20.73 10.20 -5.26
C SER D 24 -21.11 9.86 -6.71
N ASN E 1 -7.01 18.13 -11.49
CA ASN E 1 -7.57 18.67 -10.26
C ASN E 1 -7.60 17.56 -9.20
N LEU E 2 -8.75 16.93 -9.03
CA LEU E 2 -8.80 15.64 -8.35
C LEU E 2 -8.06 14.58 -9.17
N LEU E 3 -8.03 14.73 -10.49
CA LEU E 3 -7.37 13.74 -11.31
C LEU E 3 -5.87 13.72 -11.05
N ARG E 4 -5.30 14.88 -10.75
CA ARG E 4 -3.87 14.93 -10.46
C ARG E 4 -3.58 14.21 -9.14
N ALA E 5 -4.46 14.36 -8.16
CA ALA E 5 -4.22 13.70 -6.87
C ALA E 5 -4.32 12.17 -7.02
N ILE E 6 -5.29 11.69 -7.80
CA ILE E 6 -5.42 10.26 -8.07
C ILE E 6 -4.17 9.74 -8.78
N GLU E 7 -3.71 10.44 -9.81
CA GLU E 7 -2.53 9.96 -10.50
C GLU E 7 -1.32 10.00 -9.57
N ALA E 8 -1.24 11.03 -8.72
CA ALA E 8 -0.16 11.05 -7.73
C ALA E 8 -0.34 9.94 -6.70
N GLN E 9 -1.58 9.68 -6.28
CA GLN E 9 -1.80 8.54 -5.39
C GLN E 9 -1.48 7.21 -6.09
N GLN E 10 -1.74 7.10 -7.39
CA GLN E 10 -1.36 5.90 -8.14
C GLN E 10 0.15 5.63 -8.08
N HIS E 11 0.97 6.67 -8.25
CA HIS E 11 2.42 6.46 -8.15
C HIS E 11 2.84 6.07 -6.74
N LEU E 12 2.26 6.70 -5.71
CA LEU E 12 2.48 6.24 -4.34
C LEU E 12 2.11 4.77 -4.22
N LEU E 13 0.94 4.39 -4.75
CA LEU E 13 0.50 3.00 -4.76
C LEU E 13 1.55 2.08 -5.35
N GLN E 14 2.05 2.41 -6.53
CA GLN E 14 3.04 1.54 -7.17
C GLN E 14 4.34 1.48 -6.35
N LEU E 15 4.67 2.54 -5.62
CA LEU E 15 5.81 2.47 -4.72
C LEU E 15 5.57 1.45 -3.61
N THR E 16 4.36 1.44 -3.04
CA THR E 16 4.07 0.44 -2.01
C THR E 16 4.06 -0.96 -2.58
N VAL E 17 3.57 -1.13 -3.81
CA VAL E 17 3.61 -2.46 -4.42
C VAL E 17 5.06 -2.92 -4.59
N TRP E 18 5.95 -2.01 -5.02
CA TRP E 18 7.38 -2.35 -5.10
C TRP E 18 7.90 -2.84 -3.74
N GLY E 19 7.67 -2.07 -2.69
CA GLY E 19 8.12 -2.47 -1.36
C GLY E 19 7.59 -3.82 -0.92
N ILE E 20 6.29 -4.05 -1.10
CA ILE E 20 5.72 -5.34 -0.68
C ILE E 20 6.41 -6.49 -1.43
N LYS E 21 6.68 -6.31 -2.72
CA LYS E 21 7.33 -7.37 -3.48
C LYS E 21 8.73 -7.64 -2.97
N GLN E 22 9.48 -6.56 -2.68
CA GLN E 22 10.82 -6.73 -2.11
C GLN E 22 10.75 -7.50 -0.80
N LEU E 23 9.79 -7.13 0.07
CA LEU E 23 9.70 -7.80 1.35
C LEU E 23 9.31 -9.26 1.18
N GLN E 24 8.34 -9.54 0.30
CA GLN E 24 7.90 -10.90 0.07
C GLN E 24 9.04 -11.82 -0.34
N ALA E 25 9.87 -11.40 -1.29
CA ALA E 25 10.97 -12.27 -1.74
C ALA E 25 12.05 -12.41 -0.66
N ARG E 26 12.36 -11.36 0.08
CA ARG E 26 13.38 -11.52 1.12
C ARG E 26 12.85 -12.32 2.30
N LEU E 27 11.57 -12.17 2.64
CA LEU E 27 11.01 -12.97 3.73
C LEU E 27 10.94 -14.44 3.35
N LEU E 28 10.54 -14.72 2.11
CA LEU E 28 10.57 -16.10 1.62
C LEU E 28 11.97 -16.67 1.73
N ALA E 29 12.99 -15.86 1.45
CA ALA E 29 14.37 -16.33 1.55
C ALA E 29 14.72 -16.68 2.99
N VAL E 30 14.36 -15.81 3.93
CA VAL E 30 14.61 -16.10 5.33
C VAL E 30 13.88 -17.38 5.74
N GLU E 31 12.62 -17.50 5.34
CA GLU E 31 11.81 -18.64 5.79
C GLU E 31 12.41 -19.96 5.31
N ARG E 32 13.03 -19.97 4.13
CA ARG E 32 13.53 -21.23 3.57
C ARG E 32 14.83 -21.66 4.21
N TYR E 33 15.71 -20.70 4.51
CA TYR E 33 16.92 -20.99 5.26
C TYR E 33 16.59 -21.70 6.57
N LEU E 34 15.57 -21.19 7.28
CA LEU E 34 15.19 -21.74 8.57
C LEU E 34 14.51 -23.11 8.50
N LYS E 35 14.24 -23.64 7.30
CA LYS E 35 13.56 -24.93 7.18
C LYS E 35 14.23 -25.87 6.17
N MET F 1 -6.41 -17.07 -3.38
CA MET F 1 -5.77 -16.37 -2.28
C MET F 1 -4.25 -16.43 -2.38
N THR F 2 -3.73 -16.74 -3.57
CA THR F 2 -2.31 -16.95 -3.74
C THR F 2 -1.61 -15.63 -4.04
N TRP F 3 -0.28 -15.65 -3.88
CA TRP F 3 0.55 -14.52 -4.28
C TRP F 3 0.63 -14.39 -5.79
N GLU F 4 0.30 -15.46 -6.52
CA GLU F 4 0.24 -15.42 -7.98
C GLU F 4 -0.97 -14.63 -8.45
N GLU F 5 -2.16 -14.96 -7.92
CA GLU F 5 -3.34 -14.14 -8.12
C GLU F 5 -3.07 -12.69 -7.73
N TRP F 6 -2.51 -12.48 -6.53
CA TRP F 6 -2.20 -11.14 -6.05
C TRP F 6 -1.50 -10.33 -7.14
N ASP F 7 -0.36 -10.83 -7.61
CA ASP F 7 0.41 -10.13 -8.61
C ASP F 7 -0.45 -9.90 -9.87
C MK8 F 8 -3.04 -9.84 -11.26
N MK8 F 8 -1.10 -10.97 -10.34
O MK8 F 8 -3.19 -8.96 -12.15
CA MK8 F 8 -2.01 -10.94 -11.45
CB MK8 F 8 -2.77 -12.26 -11.55
CD MK8 F 8 -5.14 -12.34 -12.30
CE MK8 F 8 -6.07 -11.92 -13.42
CG MK8 F 8 -3.69 -12.23 -12.75
CB1 MK8 F 8 -1.24 -10.74 -12.74
N LYS F 9 -3.74 -9.88 -10.13
CA LYS F 9 -4.74 -8.87 -9.82
C LYS F 9 -4.15 -7.46 -9.86
N ILE F 10 -2.96 -7.28 -9.27
CA ILE F 10 -2.36 -5.95 -9.23
C ILE F 10 -2.17 -5.41 -10.64
N GLU F 11 -1.64 -6.23 -11.54
CA GLU F 11 -1.41 -5.78 -12.91
C GLU F 11 -2.71 -5.47 -13.66
C MK8 F 12 -5.59 -4.67 -13.66
N MK8 F 12 -3.74 -6.27 -13.45
O MK8 F 12 -5.92 -3.85 -14.56
CA MK8 F 12 -5.03 -6.04 -14.03
CB MK8 F 12 -6.04 -7.04 -13.47
CD MK8 F 12 -6.84 -9.39 -13.47
CE MK8 F 12 -6.68 -10.75 -14.11
CG MK8 F 12 -5.83 -8.42 -14.06
CB1 MK8 F 12 -5.00 -6.17 -15.55
N TYR F 13 -5.70 -4.41 -12.37
CA TYR F 13 -6.24 -3.14 -11.90
C TYR F 13 -5.35 -1.95 -12.18
N THR F 14 -4.04 -2.16 -12.30
CA THR F 14 -3.19 -1.04 -12.64
C THR F 14 -3.54 -0.61 -14.05
C MK8 F 15 -5.26 -0.57 -16.37
N MK8 F 15 -3.69 -1.61 -14.92
O MK8 F 15 -5.39 0.35 -17.21
CA MK8 F 15 -4.01 -1.41 -16.29
CB MK8 F 15 -4.30 -2.74 -16.95
CD MK8 F 15 -6.17 -2.73 -18.61
CE MK8 F 15 -6.53 -2.39 -20.04
CG MK8 F 15 -4.67 -2.54 -18.40
CB1 MK8 F 15 -2.81 -0.79 -17.00
N LYS F 16 -6.22 -0.88 -15.51
CA LYS F 16 -7.54 -0.30 -15.62
C LYS F 16 -7.55 1.15 -15.09
N ILE F 17 -6.85 1.41 -13.98
CA ILE F 17 -6.75 2.79 -13.53
C ILE F 17 -6.06 3.62 -14.59
N GLU F 18 -5.04 3.05 -15.23
CA GLU F 18 -4.25 3.78 -16.20
C GLU F 18 -5.12 4.14 -17.41
C MK8 F 19 -7.72 4.56 -18.62
N MK8 F 19 -5.92 3.19 -17.88
O MK8 F 19 -7.88 5.52 -19.40
CA MK8 F 19 -6.81 3.39 -18.98
CB MK8 F 19 -7.67 2.16 -19.21
CD MK8 F 19 -7.89 -0.16 -20.04
CE MK8 F 19 -7.19 -1.28 -20.79
CG MK8 F 19 -6.93 1.01 -19.85
CB1 MK8 F 19 -6.04 3.68 -20.25
N LEU F 20 -8.31 4.49 -17.44
CA LEU F 20 -9.29 5.50 -17.03
C LEU F 20 -8.68 6.83 -16.64
N ILE F 21 -7.45 6.83 -16.13
CA ILE F 21 -6.73 8.09 -15.94
C ILE F 21 -6.48 8.76 -17.28
N LYS F 22 -6.05 8.01 -18.29
CA LYS F 22 -5.78 8.63 -19.59
C LYS F 22 -7.07 9.11 -20.24
N LYS F 23 -8.13 8.31 -20.18
CA LYS F 23 -9.43 8.64 -20.76
C LYS F 23 -10.08 9.88 -20.14
N SER F 24 -9.71 10.23 -18.91
CA SER F 24 -10.29 11.40 -18.26
C SER F 24 -9.32 12.60 -18.25
#